data_4Z5C
#
_entry.id   4Z5C
#
_cell.length_a   109.027
_cell.length_b   109.027
_cell.length_c   58.796
_cell.angle_alpha   90.000
_cell.angle_beta   90.000
_cell.angle_gamma   120.000
#
_symmetry.space_group_name_H-M   'P 31 2 1'
#
loop_
_entity.id
_entity.type
_entity.pdbx_description
1 polymer 'Antitoxin HipB'
2 polymer "DNA (5'-D(*TP*TP*TP*AP*TP*CP*CP*CP*GP*TP*AP*GP*AP*GP*CP*GP*GP*AP*TP*AP*A)-3')"
3 polymer "DNA (5'-D(*TP*TP*TP*AP*TP*CP*CP*GP*CP*TP*CP*TP*AP*CP*GP*GP*GP*AP*TP*A)-3')"
4 water water
#
loop_
_entity_poly.entity_id
_entity_poly.type
_entity_poly.pdbx_seq_one_letter_code
_entity_poly.pdbx_strand_id
1 'polypeptide(L)' FQKIYSPTQLANAMKLVRQQNGWTQSELAKKIGIKQATISNFENNPDNTTLTTFFKILQSLELSMTLCDAK A,B
2 'polydeoxyribonucleotide'
;(DT)(DT)(DT)(DA)(DT)(DC)(DC)(DC)(DG)(DT)(DA)(DG)(DA)(DG)(DC)(DG)(DG)(DA)(DT)(DA)
(DA)
;
C
3 'polydeoxyribonucleotide' (DT)(DT)(DT)(DA)(DT)(DC)(DC)(DG)(DC)(DT)(DC)(DT)(DA)(DC)(DG)(DG)(DG)(DA)(DT)(DA) D
#
# COMPACT_ATOMS: atom_id res chain seq x y z
N PHE A 1 14.43 5.98 4.23
CA PHE A 1 13.05 5.73 4.64
C PHE A 1 12.24 7.01 4.90
N GLN A 2 11.80 7.66 3.82
CA GLN A 2 11.00 8.87 3.93
C GLN A 2 9.56 8.63 3.48
N LYS A 3 8.68 9.60 3.70
CA LYS A 3 7.27 9.44 3.41
C LYS A 3 7.00 9.21 1.92
N ILE A 4 6.06 8.31 1.64
CA ILE A 4 5.72 7.90 0.28
C ILE A 4 4.31 8.33 -0.10
N TYR A 5 4.16 8.87 -1.31
CA TYR A 5 2.92 9.54 -1.67
C TYR A 5 2.21 8.96 -2.88
N SER A 6 2.87 8.06 -3.61
CA SER A 6 2.28 7.49 -4.83
C SER A 6 2.76 6.07 -5.04
N PRO A 7 2.03 5.29 -5.86
CA PRO A 7 2.44 3.94 -6.26
C PRO A 7 3.83 3.92 -6.93
N THR A 8 4.07 4.85 -7.85
CA THR A 8 5.35 4.96 -8.56
C THR A 8 6.48 5.12 -7.58
N GLN A 9 6.30 6.06 -6.65
CA GLN A 9 7.30 6.29 -5.62
C GLN A 9 7.49 5.05 -4.74
N LEU A 10 6.39 4.37 -4.41
CA LEU A 10 6.47 3.16 -3.59
C LEU A 10 7.24 2.07 -4.31
N ALA A 11 6.87 1.81 -5.56
CA ALA A 11 7.54 0.81 -6.37
C ALA A 11 9.03 1.13 -6.51
N ASN A 12 9.34 2.40 -6.73
CA ASN A 12 10.72 2.81 -6.90
C ASN A 12 11.54 2.50 -5.66
N ALA A 13 10.98 2.83 -4.51
CA ALA A 13 11.66 2.60 -3.24
C ALA A 13 11.92 1.10 -3.05
N MET A 14 10.90 0.29 -3.36
CA MET A 14 10.99 -1.15 -3.15
C MET A 14 11.99 -1.79 -4.10
N LYS A 15 11.99 -1.34 -5.35
CA LYS A 15 12.95 -1.79 -6.36
C LYS A 15 14.38 -1.51 -5.91
N LEU A 16 14.59 -0.32 -5.35
CA LEU A 16 15.90 0.06 -4.81
C LEU A 16 16.37 -0.92 -3.73
N VAL A 17 15.50 -1.20 -2.77
CA VAL A 17 15.78 -2.21 -1.75
C VAL A 17 16.14 -3.55 -2.41
N ARG A 18 15.40 -3.92 -3.47
CA ARG A 18 15.72 -5.18 -4.15
C ARG A 18 17.15 -5.19 -4.67
N GLN A 19 17.50 -4.17 -5.44
CA GLN A 19 18.84 -4.04 -6.01
C GLN A 19 19.94 -3.93 -4.94
N GLN A 20 19.76 -3.03 -3.98
CA GLN A 20 20.70 -2.89 -2.86
C GLN A 20 21.07 -4.23 -2.21
N ASN A 21 20.08 -5.06 -1.91
CA ASN A 21 20.36 -6.39 -1.38
C ASN A 21 20.81 -7.40 -2.44
N GLY A 22 20.91 -6.95 -3.69
CA GLY A 22 21.36 -7.80 -4.77
C GLY A 22 20.43 -8.95 -5.10
N TRP A 23 19.12 -8.74 -4.88
CA TRP A 23 18.12 -9.78 -5.16
C TRP A 23 17.56 -9.60 -6.56
N THR A 24 17.23 -10.71 -7.19
CA THR A 24 16.62 -10.66 -8.51
C THR A 24 15.10 -10.82 -8.40
N GLN A 25 14.41 -10.41 -9.46
CA GLN A 25 12.96 -10.57 -9.51
C GLN A 25 12.60 -12.04 -9.36
N SER A 26 13.25 -12.89 -10.15
CA SER A 26 12.97 -14.31 -10.12
C SER A 26 13.05 -14.93 -8.73
N GLU A 27 14.05 -14.56 -7.95
CA GLU A 27 14.21 -15.19 -6.64
C GLU A 27 13.20 -14.66 -5.60
N LEU A 28 12.81 -13.39 -5.71
CA LEU A 28 11.75 -12.87 -4.84
C LEU A 28 10.42 -13.51 -5.14
N ALA A 29 10.16 -13.74 -6.42
CA ALA A 29 8.92 -14.37 -6.83
C ALA A 29 8.84 -15.84 -6.33
N LYS A 30 9.96 -16.55 -6.42
CA LYS A 30 10.03 -17.94 -5.98
C LYS A 30 9.76 -18.01 -4.48
N LYS A 31 10.32 -17.05 -3.76
CA LYS A 31 10.26 -17.04 -2.30
C LYS A 31 8.81 -17.04 -1.80
N ILE A 32 7.98 -16.18 -2.38
CA ILE A 32 6.60 -16.03 -1.94
C ILE A 32 5.58 -16.71 -2.86
N GLY A 33 6.05 -17.34 -3.92
CA GLY A 33 5.18 -18.05 -4.86
C GLY A 33 4.33 -17.21 -5.79
N ILE A 34 4.91 -16.21 -6.43
CA ILE A 34 4.20 -15.48 -7.49
C ILE A 34 5.04 -15.43 -8.75
N LYS A 35 4.47 -14.95 -9.85
CA LYS A 35 5.20 -14.86 -11.12
C LYS A 35 6.29 -13.82 -11.05
N GLN A 36 7.44 -14.12 -11.65
CA GLN A 36 8.44 -13.09 -11.89
C GLN A 36 7.77 -11.92 -12.62
N ALA A 37 6.91 -12.25 -13.58
CA ALA A 37 6.24 -11.26 -14.40
C ALA A 37 5.45 -10.27 -13.56
N THR A 38 4.92 -10.75 -12.44
CA THR A 38 4.12 -9.90 -11.56
C THR A 38 4.98 -8.86 -10.82
N ILE A 39 6.19 -9.24 -10.44
CA ILE A 39 7.08 -8.31 -9.78
C ILE A 39 7.53 -7.25 -10.77
N SER A 40 7.82 -7.68 -12.01
CA SER A 40 8.16 -6.77 -13.09
C SER A 40 7.05 -5.76 -13.30
N ASN A 41 5.83 -6.25 -13.49
CA ASN A 41 4.71 -5.35 -13.67
C ASN A 41 4.51 -4.40 -12.50
N PHE A 42 4.79 -4.85 -11.30
CA PHE A 42 4.65 -3.99 -10.14
C PHE A 42 5.70 -2.88 -10.18
N GLU A 43 6.94 -3.23 -10.53
CA GLU A 43 8.02 -2.26 -10.50
C GLU A 43 7.85 -1.17 -11.54
N ASN A 44 7.26 -1.51 -12.67
CA ASN A 44 7.15 -0.55 -13.75
C ASN A 44 5.75 0.01 -13.94
N ASN A 45 4.75 -0.59 -13.32
CA ASN A 45 3.37 -0.20 -13.57
C ASN A 45 2.48 -0.43 -12.35
N PRO A 46 2.83 0.18 -11.22
CA PRO A 46 2.22 -0.19 -9.93
C PRO A 46 0.77 0.26 -9.73
N ASP A 47 0.37 1.34 -10.38
CA ASP A 47 -0.96 1.95 -10.21
C ASP A 47 -2.11 0.98 -9.92
N ASN A 48 -2.24 -0.05 -10.75
CA ASN A 48 -3.37 -0.98 -10.61
C ASN A 48 -3.03 -2.32 -9.97
N THR A 49 -1.80 -2.44 -9.48
CA THR A 49 -1.38 -3.56 -8.64
C THR A 49 -2.33 -3.63 -7.45
N THR A 50 -2.58 -4.83 -6.96
CA THR A 50 -3.45 -5.00 -5.80
C THR A 50 -2.68 -4.91 -4.47
N LEU A 51 -3.42 -4.72 -3.38
CA LEU A 51 -2.83 -4.63 -2.04
C LEU A 51 -2.21 -5.93 -1.56
N THR A 52 -2.83 -7.06 -1.85
CA THR A 52 -2.22 -8.34 -1.49
C THR A 52 -0.84 -8.44 -2.09
N THR A 53 -0.77 -8.20 -3.40
CA THR A 53 0.48 -8.29 -4.12
C THR A 53 1.53 -7.38 -3.49
N PHE A 54 1.16 -6.12 -3.25
CA PHE A 54 2.05 -5.18 -2.57
C PHE A 54 2.58 -5.77 -1.26
N PHE A 55 1.70 -6.38 -0.48
CA PHE A 55 2.12 -6.94 0.79
C PHE A 55 2.95 -8.21 0.66
N LYS A 56 2.61 -9.03 -0.32
CA LYS A 56 3.44 -10.20 -0.58
C LYS A 56 4.89 -9.78 -0.94
N ILE A 57 5.01 -8.78 -1.80
CA ILE A 57 6.34 -8.30 -2.20
C ILE A 57 7.11 -7.67 -1.03
N LEU A 58 6.41 -6.86 -0.22
CA LEU A 58 6.98 -6.27 0.99
C LEU A 58 7.59 -7.36 1.85
N GLN A 59 6.82 -8.42 2.05
CA GLN A 59 7.25 -9.49 2.91
C GLN A 59 8.48 -10.16 2.32
N SER A 60 8.47 -10.37 1.01
CA SER A 60 9.58 -11.03 0.33
C SER A 60 10.89 -10.23 0.46
N LEU A 61 10.77 -8.92 0.68
CA LEU A 61 11.94 -8.06 0.85
C LEU A 61 12.26 -7.86 2.33
N GLU A 62 11.50 -8.54 3.18
CA GLU A 62 11.60 -8.39 4.63
C GLU A 62 11.29 -6.96 5.05
N LEU A 63 10.34 -6.36 4.35
CA LEU A 63 9.87 -5.01 4.69
C LEU A 63 8.49 -5.06 5.32
N SER A 64 8.16 -4.00 6.05
CA SER A 64 6.81 -3.78 6.47
C SER A 64 6.51 -2.32 6.18
N MET A 65 5.36 -1.85 6.59
CA MET A 65 5.00 -0.45 6.41
C MET A 65 4.33 0.10 7.64
N THR A 66 4.29 1.42 7.72
CA THR A 66 3.67 2.09 8.86
C THR A 66 2.95 3.33 8.36
N LEU A 67 1.83 3.65 9.00
CA LEU A 67 1.09 4.86 8.66
C LEU A 67 1.71 6.07 9.36
N CYS A 68 1.47 7.27 8.84
CA CYS A 68 1.96 8.50 9.46
C CYS A 68 1.24 9.74 8.92
N ASP A 69 1.45 10.87 9.58
CA ASP A 69 0.83 12.12 9.16
C ASP A 69 1.37 12.58 7.82
N ALA A 70 0.53 13.22 7.02
CA ALA A 70 0.93 13.62 5.68
C ALA A 70 1.84 14.85 5.68
N LYS A 71 1.54 15.79 6.56
CA LYS A 71 2.19 17.11 6.60
C LYS A 71 2.04 17.86 5.27
N PHE B 1 1.09 5.02 15.77
CA PHE B 1 1.37 4.43 14.47
C PHE B 1 2.34 3.25 14.54
N GLN B 2 1.89 2.10 14.04
CA GLN B 2 2.65 0.85 14.15
C GLN B 2 2.80 0.11 12.82
N LYS B 3 3.60 -0.96 12.83
CA LYS B 3 3.83 -1.72 11.62
C LYS B 3 2.56 -2.43 11.15
N ILE B 4 2.37 -2.47 9.83
CA ILE B 4 1.17 -3.03 9.23
C ILE B 4 1.54 -4.21 8.33
N TYR B 5 0.86 -5.35 8.49
CA TYR B 5 1.29 -6.59 7.87
C TYR B 5 0.32 -7.16 6.87
N SER B 6 -0.84 -6.53 6.70
CA SER B 6 -1.81 -7.06 5.74
C SER B 6 -2.72 -5.95 5.24
N PRO B 7 -3.37 -6.19 4.09
CA PRO B 7 -4.42 -5.28 3.63
C PRO B 7 -5.51 -5.13 4.69
N THR B 8 -5.92 -6.24 5.30
CA THR B 8 -6.98 -6.18 6.31
C THR B 8 -6.57 -5.28 7.48
N GLN B 9 -5.39 -5.54 8.03
CA GLN B 9 -4.88 -4.72 9.11
C GLN B 9 -4.88 -3.27 8.67
N LEU B 10 -4.44 -3.06 7.43
CA LEU B 10 -4.28 -1.71 6.90
C LEU B 10 -5.59 -0.97 6.78
N ALA B 11 -6.61 -1.63 6.23
CA ALA B 11 -7.89 -1.00 6.05
C ALA B 11 -8.49 -0.69 7.40
N ASN B 12 -8.51 -1.68 8.28
CA ASN B 12 -9.04 -1.47 9.64
C ASN B 12 -8.43 -0.24 10.31
N ALA B 13 -7.11 -0.12 10.26
CA ALA B 13 -6.42 1.04 10.83
C ALA B 13 -6.88 2.36 10.19
N MET B 14 -6.95 2.40 8.86
CA MET B 14 -7.45 3.59 8.17
C MET B 14 -8.92 3.89 8.45
N LYS B 15 -9.73 2.84 8.63
CA LYS B 15 -11.14 3.01 8.99
C LYS B 15 -11.23 3.66 10.34
N LEU B 16 -10.41 3.20 11.27
CA LEU B 16 -10.37 3.79 12.61
C LEU B 16 -10.03 5.29 12.54
N VAL B 17 -8.95 5.63 11.84
CA VAL B 17 -8.57 7.02 11.65
C VAL B 17 -9.74 7.81 11.08
N ARG B 18 -10.47 7.19 10.16
CA ARG B 18 -11.60 7.87 9.53
C ARG B 18 -12.70 8.15 10.54
N GLN B 19 -13.07 7.12 11.29
CA GLN B 19 -14.12 7.26 12.30
C GLN B 19 -13.75 8.25 13.40
N GLN B 20 -12.51 8.16 13.88
CA GLN B 20 -12.06 9.00 14.98
C GLN B 20 -12.08 10.49 14.66
N ASN B 21 -12.19 10.82 13.38
CA ASN B 21 -12.28 12.22 12.94
C ASN B 21 -13.68 12.53 12.46
N GLY B 22 -14.60 11.58 12.66
CA GLY B 22 -15.99 11.74 12.27
C GLY B 22 -16.20 12.09 10.81
N TRP B 23 -15.42 11.48 9.92
CA TRP B 23 -15.63 11.66 8.50
C TRP B 23 -16.45 10.50 7.94
N THR B 24 -17.42 10.80 7.09
CA THR B 24 -18.17 9.73 6.43
C THR B 24 -17.42 9.28 5.19
N GLN B 25 -17.78 8.08 4.70
CA GLN B 25 -17.22 7.59 3.47
C GLN B 25 -17.43 8.62 2.35
N SER B 26 -18.66 9.13 2.24
CA SER B 26 -19.03 10.11 1.21
C SER B 26 -18.17 11.37 1.20
N GLU B 27 -17.90 11.93 2.39
CA GLU B 27 -17.04 13.10 2.51
C GLU B 27 -15.70 12.86 1.87
N LEU B 28 -15.10 11.74 2.23
CA LEU B 28 -13.77 11.41 1.73
C LEU B 28 -13.81 11.24 0.23
N ALA B 29 -14.84 10.55 -0.25
CA ALA B 29 -14.94 10.18 -1.64
C ALA B 29 -15.09 11.42 -2.50
N LYS B 30 -15.93 12.35 -2.07
CA LYS B 30 -16.10 13.62 -2.76
C LYS B 30 -14.78 14.39 -2.79
N LYS B 31 -14.06 14.32 -1.68
CA LYS B 31 -12.83 15.04 -1.51
C LYS B 31 -11.72 14.58 -2.48
N ILE B 32 -11.82 13.36 -3.00
CA ILE B 32 -10.73 12.83 -3.83
C ILE B 32 -11.16 12.31 -5.19
N GLY B 33 -12.47 12.38 -5.47
CA GLY B 33 -12.98 12.01 -6.77
C GLY B 33 -13.20 10.53 -7.03
N ILE B 34 -13.46 9.76 -5.97
CA ILE B 34 -13.81 8.35 -6.15
C ILE B 34 -15.21 8.08 -5.59
N LYS B 35 -15.74 6.88 -5.83
CA LYS B 35 -17.07 6.54 -5.37
C LYS B 35 -17.10 6.16 -3.88
N GLN B 36 -18.17 6.56 -3.18
CA GLN B 36 -18.42 6.10 -1.82
C GLN B 36 -18.35 4.57 -1.76
N ALA B 37 -18.94 3.91 -2.76
CA ALA B 37 -18.86 2.45 -2.90
C ALA B 37 -17.42 1.95 -2.82
N THR B 38 -16.53 2.73 -3.44
CA THR B 38 -15.12 2.38 -3.49
C THR B 38 -14.43 2.50 -2.12
N ILE B 39 -14.87 3.42 -1.29
CA ILE B 39 -14.28 3.47 0.05
C ILE B 39 -14.83 2.33 0.90
N SER B 40 -16.06 1.92 0.60
CA SER B 40 -16.67 0.79 1.27
C SER B 40 -15.97 -0.52 0.88
N ASN B 41 -15.72 -0.71 -0.41
CA ASN B 41 -15.06 -1.94 -0.83
C ASN B 41 -13.66 -2.04 -0.27
N PHE B 42 -12.99 -0.91 -0.11
CA PHE B 42 -11.63 -0.92 0.40
C PHE B 42 -11.64 -1.30 1.87
N GLU B 43 -12.65 -0.84 2.60
CA GLU B 43 -12.70 -1.06 4.04
C GLU B 43 -13.12 -2.48 4.41
N ASN B 44 -14.02 -3.07 3.64
CA ASN B 44 -14.49 -4.41 3.91
C ASN B 44 -13.70 -5.50 3.20
N ASN B 45 -13.16 -5.16 2.03
CA ASN B 45 -12.55 -6.13 1.13
C ASN B 45 -11.26 -5.60 0.45
N PRO B 46 -10.25 -5.24 1.24
CA PRO B 46 -9.09 -4.52 0.68
C PRO B 46 -8.08 -5.32 -0.15
N ASP B 47 -8.12 -6.65 -0.13
CA ASP B 47 -7.08 -7.43 -0.80
C ASP B 47 -6.86 -7.03 -2.26
N ASN B 48 -7.95 -6.76 -2.96
CA ASN B 48 -7.88 -6.53 -4.40
C ASN B 48 -7.97 -5.05 -4.78
N THR B 49 -8.07 -4.20 -3.76
CA THR B 49 -7.97 -2.76 -3.95
C THR B 49 -6.66 -2.39 -4.66
N THR B 50 -6.73 -1.41 -5.56
CA THR B 50 -5.55 -0.98 -6.29
C THR B 50 -4.72 0.02 -5.49
N LEU B 51 -3.45 0.11 -5.85
CA LEU B 51 -2.55 1.01 -5.15
C LEU B 51 -2.94 2.48 -5.34
N THR B 52 -3.52 2.84 -6.49
CA THR B 52 -3.93 4.23 -6.68
C THR B 52 -5.04 4.62 -5.72
N THR B 53 -6.02 3.73 -5.54
CA THR B 53 -7.12 4.04 -4.65
C THR B 53 -6.61 4.21 -3.21
N PHE B 54 -5.75 3.29 -2.78
CA PHE B 54 -5.08 3.38 -1.48
C PHE B 54 -4.48 4.77 -1.23
N PHE B 55 -3.60 5.19 -2.12
CA PHE B 55 -2.92 6.47 -1.93
C PHE B 55 -3.87 7.67 -1.95
N LYS B 56 -4.94 7.58 -2.74
CA LYS B 56 -5.97 8.62 -2.72
C LYS B 56 -6.66 8.70 -1.35
N ILE B 57 -7.14 7.55 -0.86
CA ILE B 57 -7.82 7.49 0.42
C ILE B 57 -6.89 7.93 1.54
N LEU B 58 -5.66 7.45 1.47
CA LEU B 58 -4.61 7.80 2.43
C LEU B 58 -4.48 9.31 2.53
N GLN B 59 -4.42 9.96 1.37
CA GLN B 59 -4.33 11.41 1.31
C GLN B 59 -5.57 12.10 1.88
N SER B 60 -6.74 11.51 1.68
CA SER B 60 -7.99 12.11 2.13
C SER B 60 -8.07 12.07 3.63
N LEU B 61 -7.28 11.19 4.23
CA LEU B 61 -7.21 11.05 5.66
C LEU B 61 -6.06 11.87 6.23
N GLU B 62 -5.42 12.66 5.37
CA GLU B 62 -4.26 13.45 5.76
C GLU B 62 -3.21 12.54 6.40
N LEU B 63 -2.93 11.45 5.71
CA LEU B 63 -1.98 10.44 6.16
C LEU B 63 -0.98 10.14 5.06
N SER B 64 0.19 9.67 5.46
CA SER B 64 1.16 9.13 4.51
C SER B 64 1.64 7.79 5.02
N MET B 65 2.65 7.23 4.35
CA MET B 65 3.21 5.97 4.80
C MET B 65 4.70 5.97 4.52
N THR B 66 5.45 5.20 5.30
CA THR B 66 6.85 4.93 4.96
C THR B 66 7.05 3.43 5.04
N LEU B 67 8.17 2.96 4.48
CA LEU B 67 8.55 1.57 4.61
C LEU B 67 9.41 1.44 5.86
N CYS B 68 9.50 0.23 6.40
CA CYS B 68 10.33 -0.02 7.57
C CYS B 68 10.83 -1.46 7.55
N ASP B 69 11.72 -1.79 8.47
CA ASP B 69 12.16 -3.17 8.68
C ASP B 69 10.94 -3.97 9.16
N ALA B 70 10.81 -5.21 8.68
CA ALA B 70 9.73 -6.10 9.13
C ALA B 70 10.08 -6.68 10.51
N LYS B 71 11.39 -6.60 10.81
CA LYS B 71 12.06 -7.04 12.05
C LYS B 71 12.75 -8.37 11.88
#